data_6GY4
#
_entry.id   6GY4
#
_cell.length_a   44.406
_cell.length_b   153.164
_cell.length_c   86.235
_cell.angle_alpha   90.00
_cell.angle_beta   90.00
_cell.angle_gamma   90.00
#
_symmetry.space_group_name_H-M   'C 2 2 21'
#
loop_
_entity.id
_entity.type
_entity.pdbx_description
1 polymer 'Protein bicaudal C homolog 1'
2 non-polymer 'SULFATE ION'
3 non-polymer 3,6,9,12,15,18,21,24,27-NONAOXANONACOSANE-1,29-DIOL
4 non-polymer 'CHLORIDE ION'
5 water water
#
_entity_poly.entity_id   1
_entity_poly.type   'polypeptide(L)'
_entity_poly.pdbx_seq_one_letter_code
;SMSEERFRVDRKKLEAMLQAAAEGKGRSGEDFFQKIMEETNTQIAWPSKLKIGAKSKKDPHIKVSGKKEDVKEAKEMIMS
VLDTKS
;
_entity_poly.pdbx_strand_id   A,B,C,D
#
# COMPACT_ATOMS: atom_id res chain seq x y z
N SER A 1 -4.87 -13.94 2.52
CA SER A 1 -5.85 -12.89 2.74
C SER A 1 -5.25 -11.73 3.53
N MET A 2 -5.30 -10.54 2.96
CA MET A 2 -4.80 -9.33 3.61
C MET A 2 -5.98 -8.51 4.10
N SER A 3 -5.95 -8.12 5.37
CA SER A 3 -7.08 -7.45 6.01
C SER A 3 -6.62 -6.12 6.59
N GLU A 4 -7.59 -5.21 6.73
CA GLU A 4 -7.36 -3.90 7.33
C GLU A 4 -8.61 -3.55 8.11
N GLU A 5 -8.54 -3.56 9.44
CA GLU A 5 -9.70 -3.44 10.30
C GLU A 5 -9.59 -2.19 11.16
N ARG A 6 -10.69 -1.44 11.24
CA ARG A 6 -10.77 -0.19 11.98
C ARG A 6 -11.92 -0.28 12.96
N PHE A 7 -11.63 -0.17 14.26
CA PHE A 7 -12.63 -0.37 15.29
C PHE A 7 -12.42 0.64 16.41
N ARG A 8 -13.51 0.91 17.15
CA ARG A 8 -13.49 1.91 18.20
C ARG A 8 -12.94 1.33 19.49
N VAL A 9 -12.21 2.17 20.24
CA VAL A 9 -11.66 1.81 21.54
C VAL A 9 -11.95 2.93 22.52
N ASP A 10 -11.93 2.59 23.80
CA ASP A 10 -12.20 3.58 24.84
C ASP A 10 -11.12 4.65 24.83
N ARG A 11 -11.55 5.92 24.83
CA ARG A 11 -10.61 7.03 24.75
C ARG A 11 -9.76 7.13 26.01
N LYS A 12 -10.37 6.96 27.18
CA LYS A 12 -9.63 7.06 28.42
C LYS A 12 -8.66 5.89 28.60
N LYS A 13 -9.07 4.69 28.19
CA LYS A 13 -8.19 3.53 28.30
C LYS A 13 -7.01 3.65 27.35
N LEU A 14 -7.27 4.07 26.11
CA LEU A 14 -6.18 4.33 25.17
C LEU A 14 -5.29 5.46 25.69
N GLU A 15 -5.88 6.43 26.37
CA GLU A 15 -5.10 7.54 26.92
C GLU A 15 -4.07 7.03 27.91
N ALA A 16 -4.50 6.17 28.84
CA ALA A 16 -3.59 5.68 29.87
C ALA A 16 -2.54 4.74 29.30
N MET A 17 -2.91 3.94 28.30
CA MET A 17 -1.95 2.99 27.73
C MET A 17 -0.82 3.71 27.02
N LEU A 18 -1.14 4.80 26.31
CA LEU A 18 -0.10 5.54 25.61
C LEU A 18 0.87 6.20 26.58
N GLN A 19 0.37 6.64 27.75
CA GLN A 19 1.25 7.24 28.74
C GLN A 19 2.20 6.21 29.34
N ALA A 20 1.66 5.05 29.72
CA ALA A 20 2.49 3.98 30.27
C ALA A 20 3.53 3.51 29.27
N ALA A 21 3.18 3.43 27.99
CA ALA A 21 4.13 2.99 26.98
C ALA A 21 5.27 3.98 26.81
N ALA A 22 5.07 5.23 27.23
CA ALA A 22 6.14 6.23 27.21
C ALA A 22 7.15 5.96 28.32
N GLU A 23 6.65 5.74 29.54
CA GLU A 23 7.53 5.47 30.67
C GLU A 23 8.30 4.16 30.50
N GLY A 24 7.83 3.27 29.64
CA GLY A 24 8.52 2.01 29.40
C GLY A 24 9.51 2.08 28.26
N GLU A 30 8.95 -3.83 26.32
CA GLU A 30 9.09 -2.64 25.50
C GLU A 30 7.79 -1.83 25.48
N ASP A 31 6.91 -2.15 24.53
CA ASP A 31 5.64 -1.47 24.38
C ASP A 31 4.54 -2.51 24.20
N PHE A 32 3.38 -2.23 24.76
CA PHE A 32 2.24 -3.14 24.63
C PHE A 32 1.84 -3.32 23.17
N PHE A 33 1.90 -2.24 22.39
CA PHE A 33 1.49 -2.29 20.99
C PHE A 33 2.56 -2.92 20.10
N GLN A 34 3.83 -2.50 20.28
CA GLN A 34 4.90 -3.10 19.51
C GLN A 34 5.07 -4.57 19.85
N LYS A 35 4.68 -4.98 21.07
CA LYS A 35 4.70 -6.40 21.39
C LYS A 35 3.65 -7.15 20.58
N ILE A 36 2.45 -6.58 20.46
CA ILE A 36 1.41 -7.19 19.63
C ILE A 36 1.82 -7.15 18.16
N MET A 37 2.40 -6.04 17.71
CA MET A 37 2.81 -5.93 16.31
C MET A 37 3.88 -6.95 15.98
N GLU A 38 4.87 -7.11 16.86
CA GLU A 38 5.92 -8.10 16.63
C GLU A 38 5.36 -9.52 16.75
N GLU A 39 4.44 -9.73 17.69
CA GLU A 39 3.89 -11.07 17.91
C GLU A 39 2.96 -11.47 16.78
N THR A 40 2.16 -10.55 16.28
CA THR A 40 1.15 -10.85 15.28
C THR A 40 1.58 -10.49 13.87
N ASN A 41 2.70 -9.79 13.71
CA ASN A 41 3.15 -9.27 12.41
C ASN A 41 2.07 -8.38 11.78
N THR A 42 1.60 -7.41 12.57
CA THR A 42 0.55 -6.50 12.16
C THR A 42 1.05 -5.07 12.32
N GLN A 43 0.27 -4.13 11.75
CA GLN A 43 0.59 -2.71 11.80
C GLN A 43 -0.58 -1.98 12.45
N ILE A 44 -0.30 -1.23 13.51
CA ILE A 44 -1.33 -0.55 14.28
C ILE A 44 -1.22 0.95 14.06
N ALA A 45 -2.36 1.62 14.01
CA ALA A 45 -2.42 3.06 13.82
C ALA A 45 -3.57 3.62 14.62
N TRP A 46 -3.36 4.78 15.24
CA TRP A 46 -4.34 5.42 16.10
C TRP A 46 -4.34 6.93 15.85
N PRO A 47 -5.51 7.61 16.00
CA PRO A 47 -5.83 8.96 15.51
C PRO A 47 -4.69 9.77 14.90
N ASP A 59 -15.97 7.80 20.90
CA ASP A 59 -14.66 7.17 21.07
C ASP A 59 -13.86 7.21 19.78
N PRO A 60 -12.54 7.09 19.88
CA PRO A 60 -11.69 7.04 18.68
C PRO A 60 -11.52 5.64 18.12
N HIS A 61 -10.83 5.53 16.98
CA HIS A 61 -10.60 4.26 16.32
C HIS A 61 -9.11 3.97 16.25
N ILE A 62 -8.76 2.68 16.25
CA ILE A 62 -7.42 2.26 15.87
C ILE A 62 -7.55 1.34 14.65
N LYS A 63 -6.44 1.15 13.96
CA LYS A 63 -6.45 0.49 12.66
C LYS A 63 -5.34 -0.55 12.62
N VAL A 64 -5.72 -1.80 12.36
CA VAL A 64 -4.80 -2.94 12.34
C VAL A 64 -4.78 -3.53 10.94
N SER A 65 -3.58 -3.84 10.44
CA SER A 65 -3.40 -4.33 9.09
C SER A 65 -2.51 -5.57 9.12
N GLY A 66 -2.77 -6.49 8.19
CA GLY A 66 -1.99 -7.70 8.07
C GLY A 66 -2.86 -8.84 7.59
N LYS A 67 -2.41 -10.07 7.89
CA LYS A 67 -3.18 -11.24 7.51
C LYS A 67 -4.49 -11.28 8.28
N LYS A 68 -5.53 -11.82 7.62
CA LYS A 68 -6.85 -11.94 8.24
C LYS A 68 -6.78 -12.56 9.62
N GLU A 69 -5.98 -13.61 9.78
CA GLU A 69 -5.88 -14.27 11.07
C GLU A 69 -5.08 -13.44 12.06
N ASP A 70 -3.99 -12.82 11.60
CA ASP A 70 -3.17 -12.01 12.50
C ASP A 70 -3.92 -10.77 12.96
N VAL A 71 -4.66 -10.13 12.05
CA VAL A 71 -5.46 -8.97 12.42
C VAL A 71 -6.52 -9.37 13.44
N LYS A 72 -7.13 -10.54 13.26
CA LYS A 72 -8.14 -11.01 14.21
C LYS A 72 -7.51 -11.26 15.58
N GLU A 73 -6.26 -11.72 15.62
CA GLU A 73 -5.61 -11.99 16.90
C GLU A 73 -5.12 -10.71 17.56
N ALA A 74 -4.69 -9.73 16.77
CA ALA A 74 -4.28 -8.45 17.33
C ALA A 74 -5.49 -7.70 17.89
N LYS A 75 -6.63 -7.80 17.21
CA LYS A 75 -7.83 -7.10 17.65
C LYS A 75 -8.34 -7.68 18.97
N GLU A 76 -8.31 -9.00 19.13
CA GLU A 76 -8.82 -9.60 20.35
C GLU A 76 -7.99 -9.18 21.55
N MET A 77 -6.69 -8.97 21.35
CA MET A 77 -5.82 -8.57 22.46
C MET A 77 -6.02 -7.10 22.81
N ILE A 78 -6.02 -6.24 21.80
CA ILE A 78 -6.20 -4.81 22.03
C ILE A 78 -7.54 -4.53 22.66
N MET A 79 -8.60 -5.17 22.18
CA MET A 79 -9.94 -4.90 22.70
C MET A 79 -10.12 -5.37 24.13
N SER A 80 -9.39 -6.41 24.54
CA SER A 80 -9.51 -6.86 25.93
C SER A 80 -9.01 -5.78 26.89
N VAL A 81 -7.98 -5.04 26.49
CA VAL A 81 -7.46 -3.95 27.31
C VAL A 81 -8.28 -2.68 27.11
N LEU A 82 -8.49 -2.28 25.86
CA LEU A 82 -9.25 -1.07 25.53
C LEU A 82 -10.71 -1.39 25.28
N ASP A 83 -11.38 -2.02 26.25
CA ASP A 83 -12.73 -2.55 26.03
C ASP A 83 -13.74 -1.42 25.90
N THR A 84 -14.98 -1.75 25.53
CA THR A 84 -16.03 -0.76 25.33
C THR A 84 -17.32 -1.21 26.01
N SER B 1 14.10 3.13 3.44
CA SER B 1 14.28 3.57 2.07
C SER B 1 13.35 4.73 1.73
N MET B 2 13.61 5.36 0.58
CA MET B 2 12.81 6.47 0.09
C MET B 2 12.34 6.13 -1.31
N SER B 3 11.05 6.36 -1.58
CA SER B 3 10.43 5.92 -2.82
C SER B 3 9.64 7.05 -3.47
N GLU B 4 9.46 6.93 -4.79
CA GLU B 4 8.59 7.80 -5.56
C GLU B 4 7.70 6.93 -6.42
N GLU B 5 6.39 7.05 -6.25
CA GLU B 5 5.43 6.25 -7.01
C GLU B 5 4.64 7.16 -7.95
N ARG B 6 4.57 6.79 -9.21
CA ARG B 6 3.73 7.47 -10.21
C ARG B 6 2.67 6.43 -10.59
N PHE B 7 1.42 6.70 -10.29
CA PHE B 7 0.36 5.73 -10.52
C PHE B 7 -0.86 6.44 -11.10
N ARG B 8 -1.71 5.67 -11.76
CA ARG B 8 -2.89 6.21 -12.42
C ARG B 8 -4.05 6.31 -11.46
N VAL B 9 -4.84 7.38 -11.61
CA VAL B 9 -6.10 7.54 -10.91
C VAL B 9 -7.18 7.86 -11.95
N ASP B 10 -8.42 7.70 -11.54
CA ASP B 10 -9.54 7.97 -12.44
C ASP B 10 -9.61 9.46 -12.74
N ARG B 11 -9.73 9.79 -14.03
CA ARG B 11 -9.75 11.19 -14.44
C ARG B 11 -10.94 11.93 -13.84
N LYS B 12 -12.13 11.32 -13.90
CA LYS B 12 -13.32 11.99 -13.41
C LYS B 12 -13.31 12.13 -11.89
N LYS B 13 -12.86 11.09 -11.18
CA LYS B 13 -12.80 11.19 -9.72
C LYS B 13 -11.79 12.23 -9.28
N LEU B 14 -10.65 12.32 -9.98
CA LEU B 14 -9.67 13.35 -9.69
C LEU B 14 -10.22 14.74 -10.01
N GLU B 15 -11.00 14.83 -11.09
CA GLU B 15 -11.63 16.10 -11.45
C GLU B 15 -12.52 16.61 -10.33
N ALA B 16 -13.34 15.71 -9.76
CA ALA B 16 -14.29 16.13 -8.72
C ALA B 16 -13.57 16.57 -7.45
N MET B 17 -12.51 15.85 -7.05
CA MET B 17 -11.82 16.21 -5.82
C MET B 17 -11.14 17.58 -5.94
N LEU B 18 -10.46 17.81 -7.06
CA LEU B 18 -9.89 19.14 -7.30
C LEU B 18 -10.97 20.21 -7.24
N GLN B 19 -12.08 19.99 -7.95
CA GLN B 19 -13.14 20.99 -7.97
C GLN B 19 -13.78 21.14 -6.59
N ALA B 20 -13.93 20.02 -5.86
CA ALA B 20 -14.52 20.10 -4.54
C ALA B 20 -13.63 20.86 -3.56
N ALA B 21 -12.33 20.95 -3.87
CA ALA B 21 -11.41 21.68 -3.00
C ALA B 21 -11.70 23.18 -3.02
N ALA B 22 -11.94 23.74 -4.22
CA ALA B 22 -12.26 25.16 -4.32
C ALA B 22 -13.60 25.51 -3.69
N GLU B 23 -14.39 24.53 -3.29
CA GLU B 23 -15.66 24.79 -2.62
C GLU B 23 -15.65 24.48 -1.14
N GLY B 24 -14.93 23.44 -0.71
CA GLY B 24 -14.83 23.13 0.71
C GLY B 24 -13.40 22.95 1.18
N LYS B 25 -12.66 24.05 1.28
CA LYS B 25 -11.24 24.01 1.62
C LYS B 25 -11.05 23.90 3.13
N GLY B 26 -9.80 23.90 3.56
CA GLY B 26 -9.47 24.01 4.96
C GLY B 26 -8.54 25.19 5.19
N ARG B 27 -8.68 25.79 6.36
CA ARG B 27 -7.96 27.01 6.71
C ARG B 27 -6.45 26.92 6.49
N ASP B 31 -6.32 21.18 0.81
CA ASP B 31 -7.30 20.36 0.11
C ASP B 31 -7.13 18.88 0.44
N PHE B 32 -7.56 18.04 -0.51
CA PHE B 32 -7.46 16.60 -0.31
C PHE B 32 -6.01 16.15 -0.20
N PHE B 33 -5.18 16.52 -1.18
CA PHE B 33 -3.79 16.06 -1.19
C PHE B 33 -2.95 16.77 -0.14
N GLN B 34 -3.30 18.01 0.22
CA GLN B 34 -2.51 18.72 1.22
C GLN B 34 -2.71 18.12 2.61
N LYS B 35 -3.94 17.71 2.92
CA LYS B 35 -4.17 16.97 4.16
C LYS B 35 -3.39 15.66 4.15
N ILE B 36 -3.38 14.96 3.02
CA ILE B 36 -2.68 13.68 2.94
C ILE B 36 -1.17 13.89 3.06
N MET B 37 -0.65 14.95 2.45
CA MET B 37 0.78 15.25 2.55
C MET B 37 1.17 15.49 4.00
N GLU B 38 0.46 16.38 4.69
CA GLU B 38 0.79 16.70 6.07
C GLU B 38 0.57 15.52 7.00
N GLU B 39 -0.34 14.61 6.66
CA GLU B 39 -0.63 13.49 7.54
C GLU B 39 0.46 12.43 7.48
N THR B 40 0.90 12.08 6.27
CA THR B 40 1.83 11.00 6.05
C THR B 40 3.25 11.49 5.81
N ASN B 41 3.49 12.79 5.97
CA ASN B 41 4.82 13.40 5.76
C ASN B 41 5.37 13.12 4.36
N THR B 42 4.48 13.06 3.37
CA THR B 42 4.86 12.83 1.98
C THR B 42 4.71 14.12 1.17
N GLN B 43 5.29 14.11 -0.02
CA GLN B 43 5.14 15.21 -0.96
C GLN B 43 4.49 14.67 -2.23
N ILE B 44 3.30 15.16 -2.54
CA ILE B 44 2.46 14.62 -3.60
C ILE B 44 2.35 15.65 -4.72
N ALA B 45 2.45 15.17 -5.96
CA ALA B 45 2.29 16.01 -7.14
C ALA B 45 1.13 15.48 -7.97
N TRP B 46 0.21 16.37 -8.33
CA TRP B 46 -0.98 16.00 -9.06
C TRP B 46 -1.21 17.01 -10.18
N PRO B 47 -1.79 16.57 -11.30
CA PRO B 47 -2.08 17.49 -12.40
C PRO B 47 -3.28 18.36 -12.09
N SER B 48 -3.19 19.63 -12.49
CA SER B 48 -4.30 20.55 -12.33
C SER B 48 -5.45 20.18 -13.27
N LYS B 49 -6.64 20.70 -12.94
CA LYS B 49 -7.82 20.43 -13.76
C LYS B 49 -7.66 20.95 -15.19
N LEU B 50 -6.79 21.94 -15.40
CA LEU B 50 -6.49 22.36 -16.77
C LEU B 50 -5.87 21.21 -17.56
N LYS B 51 -4.76 20.67 -17.06
CA LYS B 51 -4.12 19.55 -17.73
C LYS B 51 -5.02 18.33 -17.81
N ILE B 52 -5.88 18.15 -16.80
CA ILE B 52 -6.80 17.02 -16.80
C ILE B 52 -7.89 17.22 -17.84
N GLY B 53 -8.53 18.40 -17.84
CA GLY B 53 -9.64 18.64 -18.75
C GLY B 53 -9.26 18.45 -20.21
N ALA B 54 -8.03 18.78 -20.55
CA ALA B 54 -7.55 18.58 -21.92
C ALA B 54 -7.51 17.09 -22.24
N LYS B 58 -5.05 7.10 -20.96
CA LYS B 58 -5.52 8.49 -20.90
C LYS B 58 -5.85 8.90 -19.47
N ASP B 59 -5.55 8.03 -18.50
CA ASP B 59 -5.76 8.43 -17.13
C ASP B 59 -4.54 9.20 -16.61
N PRO B 60 -4.76 10.25 -15.81
CA PRO B 60 -3.66 11.03 -15.28
C PRO B 60 -2.92 10.27 -14.18
N HIS B 61 -1.77 10.81 -13.81
CA HIS B 61 -0.86 10.17 -12.88
C HIS B 61 -0.65 11.03 -11.64
N ILE B 62 -0.55 10.37 -10.48
CA ILE B 62 -0.24 11.02 -9.21
C ILE B 62 1.13 10.54 -8.76
N LYS B 63 1.93 11.46 -8.22
CA LYS B 63 3.30 11.18 -7.81
C LYS B 63 3.42 11.41 -6.31
N VAL B 64 3.81 10.38 -5.57
CA VAL B 64 3.95 10.44 -4.12
C VAL B 64 5.38 10.10 -3.76
N SER B 65 5.97 10.88 -2.86
CA SER B 65 7.37 10.75 -2.50
C SER B 65 7.54 10.78 -0.99
N GLY B 66 8.50 10.01 -0.50
CA GLY B 66 8.79 9.97 0.92
C GLY B 66 9.27 8.59 1.34
N LYS B 67 9.15 8.32 2.64
CA LYS B 67 9.51 7.01 3.15
C LYS B 67 8.63 5.94 2.52
N LYS B 68 9.18 4.73 2.38
CA LYS B 68 8.51 3.68 1.63
C LYS B 68 7.14 3.37 2.21
N GLU B 69 7.04 3.30 3.54
CA GLU B 69 5.75 3.04 4.18
C GLU B 69 4.88 4.29 4.20
N ASP B 70 5.49 5.47 4.32
CA ASP B 70 4.71 6.70 4.23
C ASP B 70 4.08 6.83 2.84
N VAL B 71 4.83 6.47 1.80
CA VAL B 71 4.29 6.51 0.45
C VAL B 71 3.17 5.50 0.28
N LYS B 72 3.37 4.28 0.80
CA LYS B 72 2.31 3.28 0.73
C LYS B 72 1.08 3.74 1.49
N GLU B 73 1.26 4.41 2.63
CA GLU B 73 0.12 4.94 3.37
C GLU B 73 -0.61 5.99 2.57
N ALA B 74 0.12 6.96 2.02
CA ALA B 74 -0.51 8.03 1.23
C ALA B 74 -1.19 7.45 -0.02
N LYS B 75 -0.60 6.42 -0.61
CA LYS B 75 -1.20 5.84 -1.81
C LYS B 75 -2.53 5.15 -1.49
N GLU B 76 -2.60 4.42 -0.38
CA GLU B 76 -3.83 3.72 -0.03
C GLU B 76 -4.96 4.70 0.27
N MET B 77 -4.63 5.86 0.84
CA MET B 77 -5.67 6.85 1.12
C MET B 77 -6.13 7.52 -0.16
N ILE B 78 -5.22 7.72 -1.12
CA ILE B 78 -5.60 8.30 -2.40
C ILE B 78 -6.39 7.29 -3.23
N MET B 79 -5.90 6.05 -3.31
CA MET B 79 -6.55 5.07 -4.16
C MET B 79 -7.97 4.76 -3.69
N SER B 80 -8.21 4.81 -2.38
CA SER B 80 -9.54 4.51 -1.86
C SER B 80 -10.60 5.42 -2.47
N VAL B 81 -10.25 6.69 -2.69
CA VAL B 81 -11.19 7.66 -3.21
C VAL B 81 -11.10 7.77 -4.73
N LEU B 82 -9.90 7.63 -5.29
CA LEU B 82 -9.63 7.93 -6.69
C LEU B 82 -9.33 6.70 -7.52
N ASP B 83 -9.69 5.50 -7.07
CA ASP B 83 -9.30 4.29 -7.79
C ASP B 83 -10.08 4.16 -9.09
N THR B 84 -9.38 3.68 -10.13
CA THR B 84 -10.07 3.30 -11.34
C THR B 84 -10.80 1.98 -11.20
N LYS B 85 -10.58 1.26 -10.10
CA LYS B 85 -11.16 -0.04 -9.88
C LYS B 85 -12.51 0.03 -9.18
N SER B 86 -13.07 1.22 -9.01
CA SER B 86 -14.34 1.37 -8.31
C SER B 86 -15.18 2.45 -8.98
N SER C 1 1.76 0.74 -12.16
CA SER C 1 2.40 1.61 -11.19
C SER C 1 3.91 1.64 -11.42
N MET C 2 4.47 2.85 -11.47
CA MET C 2 5.90 3.06 -11.66
C MET C 2 6.50 3.59 -10.37
N SER C 3 7.59 2.97 -9.91
CA SER C 3 8.22 3.35 -8.66
C SER C 3 9.70 3.60 -8.88
N GLU C 4 10.22 4.61 -8.17
CA GLU C 4 11.65 4.93 -8.14
C GLU C 4 12.10 4.92 -6.69
N GLU C 5 12.82 3.87 -6.28
CA GLU C 5 13.16 3.64 -4.88
C GLU C 5 14.66 3.78 -4.65
N ARG C 6 15.03 4.39 -3.53
CA ARG C 6 16.42 4.71 -3.19
C ARG C 6 16.68 4.20 -1.77
N PHE C 7 17.73 3.39 -1.62
CA PHE C 7 18.01 2.72 -0.35
C PHE C 7 19.52 2.63 -0.14
N ARG C 8 19.92 2.53 1.13
CA ARG C 8 21.33 2.41 1.47
C ARG C 8 21.79 0.97 1.37
N VAL C 9 23.01 0.78 0.89
CA VAL C 9 23.67 -0.52 0.91
C VAL C 9 24.97 -0.38 1.68
N ASP C 10 25.57 -1.51 2.01
CA ASP C 10 26.83 -1.50 2.74
C ASP C 10 27.95 -1.07 1.80
N ARG C 11 28.87 -0.25 2.33
CA ARG C 11 29.92 0.31 1.50
C ARG C 11 30.90 -0.77 1.03
N LYS C 12 31.39 -1.60 1.96
CA LYS C 12 32.38 -2.60 1.59
C LYS C 12 31.77 -3.69 0.72
N LYS C 13 30.53 -4.10 1.01
CA LYS C 13 29.87 -5.09 0.16
C LYS C 13 29.71 -4.57 -1.25
N LEU C 14 29.39 -3.29 -1.41
CA LEU C 14 29.26 -2.71 -2.74
C LEU C 14 30.61 -2.62 -3.43
N GLU C 15 31.68 -2.35 -2.67
CA GLU C 15 33.01 -2.34 -3.26
C GLU C 15 33.37 -3.70 -3.85
N ALA C 16 33.04 -4.77 -3.12
CA ALA C 16 33.40 -6.12 -3.58
C ALA C 16 32.67 -6.48 -4.87
N MET C 17 31.39 -6.10 -4.97
CA MET C 17 30.63 -6.41 -6.17
C MET C 17 31.18 -5.68 -7.39
N LEU C 18 31.46 -4.39 -7.25
CA LEU C 18 32.00 -3.63 -8.38
C LEU C 18 33.39 -4.12 -8.76
N GLN C 19 34.21 -4.48 -7.77
CA GLN C 19 35.52 -5.04 -8.07
C GLN C 19 35.40 -6.40 -8.75
N ALA C 20 34.51 -7.25 -8.22
CA ALA C 20 34.32 -8.57 -8.82
C ALA C 20 33.77 -8.45 -10.24
N ALA C 21 33.09 -7.35 -10.53
CA ALA C 21 32.58 -7.12 -11.88
C ALA C 21 33.71 -6.89 -12.87
N ALA C 22 34.77 -6.20 -12.44
CA ALA C 22 35.94 -5.93 -13.27
C ALA C 22 36.58 -7.23 -13.76
N GLU C 23 37.19 -7.97 -12.84
CA GLU C 23 37.80 -9.27 -13.15
C GLU C 23 36.72 -10.33 -13.01
N GLY C 24 36.20 -10.80 -14.14
CA GLY C 24 35.13 -11.78 -14.13
C GLY C 24 34.51 -12.00 -15.49
N GLU C 30 26.67 -8.29 -17.72
CA GLU C 30 28.03 -8.37 -17.22
C GLU C 30 28.09 -7.98 -15.74
N ASP C 31 27.78 -6.72 -15.46
CA ASP C 31 27.81 -6.21 -14.09
C ASP C 31 26.81 -6.94 -13.22
N PHE C 32 27.03 -6.86 -11.90
CA PHE C 32 26.06 -7.41 -10.95
C PHE C 32 24.72 -6.72 -11.11
N PHE C 33 24.73 -5.41 -11.36
CA PHE C 33 23.50 -4.65 -11.52
C PHE C 33 22.92 -4.80 -12.91
N GLN C 34 23.77 -4.87 -13.94
CA GLN C 34 23.25 -5.01 -15.30
C GLN C 34 22.56 -6.35 -15.51
N LYS C 35 22.93 -7.37 -14.73
CA LYS C 35 22.21 -8.63 -14.79
C LYS C 35 20.86 -8.51 -14.11
N ILE C 36 20.82 -7.87 -12.93
CA ILE C 36 19.58 -7.68 -12.22
C ILE C 36 18.64 -6.75 -13.00
N MET C 37 19.20 -5.79 -13.74
CA MET C 37 18.37 -4.91 -14.55
C MET C 37 17.62 -5.68 -15.61
N GLU C 38 18.29 -6.64 -16.25
CA GLU C 38 17.64 -7.43 -17.30
C GLU C 38 16.66 -8.44 -16.71
N GLU C 39 17.00 -9.00 -15.55
CA GLU C 39 16.14 -10.01 -14.94
C GLU C 39 14.83 -9.40 -14.43
N THR C 40 14.90 -8.20 -13.86
CA THR C 40 13.72 -7.56 -13.28
C THR C 40 13.16 -6.45 -14.15
N ASN C 41 13.77 -6.19 -15.31
CA ASN C 41 13.32 -5.14 -16.24
C ASN C 41 13.30 -3.77 -15.55
N THR C 42 14.41 -3.41 -14.91
CA THR C 42 14.53 -2.18 -14.17
C THR C 42 15.76 -1.40 -14.62
N GLN C 43 15.90 -0.20 -14.08
CA GLN C 43 17.06 0.65 -14.33
C GLN C 43 17.66 1.02 -12.98
N ILE C 44 18.87 0.54 -12.71
CA ILE C 44 19.53 0.70 -11.42
C ILE C 44 20.65 1.73 -11.55
N ALA C 45 20.74 2.62 -10.57
CA ALA C 45 21.80 3.61 -10.50
C ALA C 45 22.60 3.40 -9.22
N TRP C 46 23.92 3.36 -9.36
CA TRP C 46 24.81 3.09 -8.24
C TRP C 46 26.02 4.00 -8.33
N PRO C 47 26.62 4.36 -7.20
CA PRO C 47 27.86 5.14 -7.23
C PRO C 47 29.03 4.29 -7.67
N SER C 48 29.91 4.89 -8.47
CA SER C 48 31.14 4.23 -8.86
C SER C 48 32.01 3.94 -7.63
N LYS C 49 32.80 2.87 -7.70
CA LYS C 49 33.74 2.57 -6.62
C LYS C 49 34.67 3.75 -6.36
N LEU C 50 34.88 4.59 -7.37
CA LEU C 50 35.64 5.82 -7.19
C LEU C 50 34.94 6.75 -6.20
N LYS C 51 33.64 7.00 -6.41
CA LYS C 51 32.90 7.86 -5.50
C LYS C 51 32.73 7.23 -4.12
N ILE C 52 32.76 5.90 -4.04
CA ILE C 52 32.53 5.22 -2.78
C ILE C 52 33.74 5.36 -1.85
N GLY C 53 34.95 5.23 -2.40
CA GLY C 53 36.14 5.22 -1.55
C GLY C 53 36.37 6.55 -0.85
N ALA C 54 35.97 7.64 -1.49
CA ALA C 54 36.14 8.97 -0.91
C ALA C 54 35.33 9.11 0.38
N ASP C 59 27.09 5.46 4.28
CA ASP C 59 26.75 4.37 3.37
C ASP C 59 26.18 4.87 2.05
N PRO C 60 26.62 4.26 0.95
CA PRO C 60 26.11 4.68 -0.37
C PRO C 60 24.69 4.22 -0.59
N HIS C 61 24.06 4.80 -1.61
CA HIS C 61 22.68 4.52 -1.96
C HIS C 61 22.59 3.85 -3.33
N ILE C 62 21.54 3.07 -3.52
CA ILE C 62 21.21 2.43 -4.78
C ILE C 62 19.79 2.84 -5.16
N LYS C 63 19.61 3.25 -6.41
CA LYS C 63 18.31 3.70 -6.91
C LYS C 63 17.84 2.75 -8.00
N VAL C 64 16.61 2.25 -7.86
CA VAL C 64 16.02 1.31 -8.80
C VAL C 64 14.71 1.90 -9.31
N SER C 65 14.43 1.71 -10.60
CA SER C 65 13.26 2.30 -11.22
C SER C 65 12.57 1.28 -12.09
N GLY C 66 11.24 1.37 -12.15
CA GLY C 66 10.45 0.49 -12.98
C GLY C 66 9.09 0.25 -12.34
N LYS C 67 8.47 -0.85 -12.78
CA LYS C 67 7.21 -1.28 -12.18
C LYS C 67 7.39 -1.50 -10.68
N LYS C 68 6.32 -1.26 -9.91
CA LYS C 68 6.41 -1.35 -8.47
C LYS C 68 6.94 -2.70 -8.01
N GLU C 69 6.50 -3.78 -8.64
CA GLU C 69 6.94 -5.11 -8.25
C GLU C 69 8.24 -5.51 -8.94
N ASP C 70 8.59 -4.89 -10.06
CA ASP C 70 9.92 -5.07 -10.60
C ASP C 70 10.97 -4.41 -9.70
N VAL C 71 10.63 -3.25 -9.13
CA VAL C 71 11.53 -2.57 -8.22
C VAL C 71 11.65 -3.33 -6.92
N LYS C 72 10.53 -3.76 -6.35
CA LYS C 72 10.58 -4.53 -5.11
C LYS C 72 11.34 -5.83 -5.30
N GLU C 73 11.21 -6.45 -6.48
CA GLU C 73 12.02 -7.61 -6.81
C GLU C 73 13.51 -7.29 -6.73
N ALA C 74 13.93 -6.29 -7.52
CA ALA C 74 15.35 -5.98 -7.63
C ALA C 74 15.95 -5.54 -6.30
N LYS C 75 15.15 -4.84 -5.47
CA LYS C 75 15.66 -4.43 -4.16
C LYS C 75 15.94 -5.63 -3.27
N GLU C 76 15.00 -6.58 -3.23
CA GLU C 76 15.20 -7.79 -2.43
C GLU C 76 16.39 -8.59 -2.92
N MET C 77 16.63 -8.58 -4.23
CA MET C 77 17.80 -9.27 -4.76
C MET C 77 19.09 -8.55 -4.36
N ILE C 78 19.10 -7.21 -4.49
CA ILE C 78 20.30 -6.45 -4.17
C ILE C 78 20.55 -6.44 -2.66
N MET C 79 19.50 -6.24 -1.87
CA MET C 79 19.68 -6.12 -0.43
C MET C 79 20.23 -7.40 0.20
N SER C 80 19.84 -8.57 -0.33
CA SER C 80 20.33 -9.82 0.24
C SER C 80 21.84 -9.93 0.12
N VAL C 81 22.40 -9.49 -1.01
CA VAL C 81 23.84 -9.53 -1.19
C VAL C 81 24.51 -8.36 -0.47
N LEU C 82 23.86 -7.20 -0.48
CA LEU C 82 24.42 -5.97 0.05
C LEU C 82 23.72 -5.53 1.33
N ASP C 83 23.42 -6.49 2.20
CA ASP C 83 22.80 -6.27 3.52
C ASP C 83 23.38 -5.07 4.25
N THR C 84 22.54 -4.36 4.99
CA THR C 84 22.91 -3.17 5.78
C THR C 84 23.34 -2.00 4.90
N SER D 1 -17.52 -2.54 13.46
CA SER D 1 -16.22 -2.07 12.99
C SER D 1 -16.19 -2.00 11.47
N MET D 2 -15.20 -1.30 10.92
CA MET D 2 -15.03 -1.17 9.49
C MET D 2 -13.86 -2.04 9.05
N SER D 3 -14.07 -2.80 7.97
CA SER D 3 -13.11 -3.81 7.55
C SER D 3 -12.77 -3.61 6.08
N GLU D 4 -11.59 -4.10 5.69
CA GLU D 4 -11.15 -4.03 4.29
C GLU D 4 -10.37 -5.29 3.99
N GLU D 5 -10.97 -6.21 3.24
CA GLU D 5 -10.38 -7.52 2.99
C GLU D 5 -9.89 -7.63 1.55
N ARG D 6 -8.68 -8.19 1.40
CA ARG D 6 -8.05 -8.40 0.11
C ARG D 6 -7.68 -9.87 -0.02
N PHE D 7 -8.23 -10.54 -1.03
CA PHE D 7 -8.09 -11.98 -1.18
C PHE D 7 -7.98 -12.33 -2.65
N ARG D 8 -7.26 -13.42 -2.93
CA ARG D 8 -7.05 -13.88 -4.30
C ARG D 8 -8.30 -14.60 -4.81
N VAL D 9 -8.59 -14.41 -6.10
CA VAL D 9 -9.69 -15.09 -6.76
C VAL D 9 -9.15 -15.71 -8.05
N ASP D 10 -9.85 -16.74 -8.52
CA ASP D 10 -9.43 -17.41 -9.75
C ASP D 10 -9.54 -16.45 -10.93
N ARG D 11 -8.46 -16.39 -11.73
CA ARG D 11 -8.43 -15.42 -12.83
C ARG D 11 -9.46 -15.73 -13.89
N LYS D 12 -9.60 -17.01 -14.26
CA LYS D 12 -10.53 -17.37 -15.32
C LYS D 12 -11.98 -17.15 -14.88
N LYS D 13 -12.30 -17.52 -13.64
CA LYS D 13 -13.65 -17.30 -13.14
C LYS D 13 -13.97 -15.81 -13.06
N LEU D 14 -13.03 -15.01 -12.59
CA LEU D 14 -13.22 -13.56 -12.58
C LEU D 14 -13.41 -13.02 -13.99
N GLU D 15 -12.65 -13.55 -14.95
CA GLU D 15 -12.77 -13.08 -16.33
C GLU D 15 -14.13 -13.43 -16.91
N ALA D 16 -14.65 -14.62 -16.59
CA ALA D 16 -15.97 -14.99 -17.08
C ALA D 16 -17.05 -14.10 -16.50
N MET D 17 -16.94 -13.77 -15.21
CA MET D 17 -17.94 -12.90 -14.59
C MET D 17 -17.96 -11.52 -15.22
N LEU D 18 -16.78 -10.97 -15.52
CA LEU D 18 -16.73 -9.64 -16.11
C LEU D 18 -17.33 -9.63 -17.52
N GLN D 19 -17.07 -10.69 -18.30
CA GLN D 19 -17.68 -10.78 -19.62
C GLN D 19 -19.19 -10.94 -19.53
N ALA D 20 -19.65 -11.73 -18.55
CA ALA D 20 -21.10 -11.89 -18.35
C ALA D 20 -21.74 -10.57 -17.95
N ALA D 21 -21.01 -9.74 -17.18
CA ALA D 21 -21.55 -8.45 -16.77
C ALA D 21 -21.74 -7.53 -17.98
N ALA D 22 -20.83 -7.61 -18.94
CA ALA D 22 -20.96 -6.81 -20.15
C ALA D 22 -22.17 -7.24 -20.97
N GLU D 23 -22.50 -8.53 -20.95
CA GLU D 23 -23.62 -9.03 -21.75
C GLU D 23 -24.97 -8.50 -21.29
N GLY D 24 -25.02 -7.79 -20.17
CA GLY D 24 -26.26 -7.24 -19.66
C GLY D 24 -26.25 -6.92 -18.18
N ASP D 31 -23.10 -7.13 -12.61
CA ASP D 31 -24.43 -7.16 -12.01
C ASP D 31 -24.41 -8.06 -10.79
N PHE D 32 -23.73 -9.20 -10.92
CA PHE D 32 -23.51 -10.08 -9.78
C PHE D 32 -22.71 -9.36 -8.70
N PHE D 33 -21.68 -8.60 -9.10
CA PHE D 33 -20.98 -7.75 -8.16
C PHE D 33 -21.89 -6.65 -7.64
N GLN D 34 -22.63 -6.00 -8.55
CA GLN D 34 -23.53 -4.91 -8.18
C GLN D 34 -24.60 -5.39 -7.21
N LYS D 35 -25.10 -6.60 -7.38
CA LYS D 35 -26.10 -7.12 -6.45
C LYS D 35 -25.47 -7.41 -5.09
N ILE D 36 -24.23 -7.88 -5.08
CA ILE D 36 -23.52 -8.09 -3.82
C ILE D 36 -23.27 -6.75 -3.13
N MET D 37 -22.82 -5.75 -3.89
CA MET D 37 -22.56 -4.42 -3.34
C MET D 37 -23.81 -3.85 -2.69
N GLU D 38 -24.96 -4.00 -3.35
CA GLU D 38 -26.20 -3.39 -2.86
C GLU D 38 -26.86 -4.22 -1.76
N GLU D 39 -26.72 -5.55 -1.83
CA GLU D 39 -27.35 -6.38 -0.80
C GLU D 39 -26.61 -6.29 0.53
N THR D 40 -25.28 -6.13 0.49
CA THR D 40 -24.46 -6.14 1.68
C THR D 40 -23.90 -4.77 2.06
N ASN D 41 -24.18 -3.74 1.27
CA ASN D 41 -23.67 -2.38 1.51
C ASN D 41 -22.14 -2.39 1.63
N THR D 42 -21.50 -2.92 0.59
CA THR D 42 -20.05 -3.02 0.53
C THR D 42 -19.52 -2.34 -0.72
N GLN D 43 -18.20 -2.24 -0.81
CA GLN D 43 -17.52 -1.67 -1.96
C GLN D 43 -16.46 -2.66 -2.44
N ILE D 44 -16.50 -3.00 -3.72
CA ILE D 44 -15.60 -3.99 -4.31
C ILE D 44 -14.62 -3.29 -5.23
N ALA D 45 -13.33 -3.60 -5.06
CA ALA D 45 -12.28 -3.06 -5.91
C ALA D 45 -11.63 -4.19 -6.70
N TRP D 46 -11.20 -3.88 -7.91
CA TRP D 46 -10.71 -4.84 -8.88
C TRP D 46 -9.25 -4.60 -9.23
N PRO D 47 -8.57 -5.59 -9.80
CA PRO D 47 -7.17 -5.43 -10.20
C PRO D 47 -7.03 -4.73 -11.55
N SER D 48 -5.81 -4.27 -11.83
CA SER D 48 -5.53 -3.58 -13.09
C SER D 48 -5.45 -4.55 -14.26
N LYS D 49 -4.62 -5.59 -14.14
CA LYS D 49 -4.45 -6.57 -15.20
C LYS D 49 -5.73 -7.35 -15.46
N LYS D 58 0.16 -14.12 -11.56
CA LYS D 58 -0.44 -15.28 -10.89
C LYS D 58 -1.95 -15.14 -10.84
N ASP D 59 -2.50 -14.98 -9.63
CA ASP D 59 -3.93 -14.81 -9.44
C ASP D 59 -4.25 -13.40 -8.97
N PRO D 60 -5.35 -12.81 -9.46
CA PRO D 60 -5.71 -11.45 -9.07
C PRO D 60 -6.33 -11.41 -7.68
N HIS D 61 -6.43 -10.19 -7.16
CA HIS D 61 -7.01 -9.93 -5.85
C HIS D 61 -8.31 -9.16 -6.01
N ILE D 62 -9.22 -9.37 -5.05
CA ILE D 62 -10.45 -8.59 -4.93
C ILE D 62 -10.40 -7.90 -3.58
N LYS D 63 -10.84 -6.64 -3.54
CA LYS D 63 -10.86 -5.86 -2.31
C LYS D 63 -12.30 -5.49 -1.99
N VAL D 64 -12.74 -5.85 -0.78
CA VAL D 64 -14.09 -5.58 -0.32
C VAL D 64 -14.02 -4.74 0.94
N SER D 65 -14.93 -3.77 1.07
CA SER D 65 -14.90 -2.81 2.16
C SER D 65 -16.31 -2.59 2.68
N GLY D 66 -16.39 -2.28 3.97
CA GLY D 66 -17.66 -2.03 4.62
C GLY D 66 -17.60 -2.47 6.07
N LYS D 67 -18.77 -2.62 6.67
CA LYS D 67 -18.84 -3.14 8.02
C LYS D 67 -18.29 -4.57 8.05
N LYS D 68 -17.66 -4.93 9.17
CA LYS D 68 -16.85 -6.15 9.21
C LYS D 68 -17.67 -7.39 8.87
N GLU D 69 -18.94 -7.44 9.30
CA GLU D 69 -19.73 -8.61 8.98
C GLU D 69 -20.37 -8.52 7.60
N ASP D 70 -20.55 -7.31 7.07
CA ASP D 70 -21.00 -7.18 5.70
C ASP D 70 -19.91 -7.59 4.72
N VAL D 71 -18.66 -7.25 5.04
CA VAL D 71 -17.53 -7.73 4.25
C VAL D 71 -17.43 -9.25 4.36
N LYS D 72 -17.70 -9.80 5.54
CA LYS D 72 -17.60 -11.24 5.73
C LYS D 72 -18.64 -11.98 4.89
N GLU D 73 -19.80 -11.36 4.67
CA GLU D 73 -20.85 -11.99 3.87
C GLU D 73 -20.62 -11.77 2.38
N ALA D 74 -20.09 -10.61 2.00
CA ALA D 74 -19.77 -10.39 0.60
C ALA D 74 -18.64 -11.30 0.15
N LYS D 75 -17.64 -11.52 1.02
CA LYS D 75 -16.53 -12.38 0.66
C LYS D 75 -16.98 -13.83 0.50
N GLU D 76 -17.89 -14.29 1.36
CA GLU D 76 -18.42 -15.64 1.20
C GLU D 76 -19.07 -15.81 -0.16
N MET D 77 -19.97 -14.90 -0.53
CA MET D 77 -20.68 -14.99 -1.80
C MET D 77 -19.72 -14.93 -2.98
N ILE D 78 -18.77 -13.99 -2.95
CA ILE D 78 -17.80 -13.87 -4.03
C ILE D 78 -16.94 -15.13 -4.12
N MET D 79 -16.41 -15.58 -2.99
CA MET D 79 -15.48 -16.71 -3.00
C MET D 79 -16.16 -17.99 -3.46
N SER D 80 -17.43 -18.18 -3.14
CA SER D 80 -18.12 -19.38 -3.60
C SER D 80 -18.17 -19.46 -5.13
N VAL D 81 -18.15 -18.31 -5.81
CA VAL D 81 -18.17 -18.27 -7.26
C VAL D 81 -16.77 -18.22 -7.86
N LEU D 82 -15.87 -17.42 -7.27
CA LEU D 82 -14.50 -17.32 -7.73
C LEU D 82 -13.54 -18.18 -6.91
N ASP D 83 -14.02 -19.34 -6.45
CA ASP D 83 -13.25 -20.23 -5.59
C ASP D 83 -12.04 -20.79 -6.33
N THR D 84 -11.04 -21.19 -5.54
CA THR D 84 -9.88 -21.91 -6.06
C THR D 84 -9.56 -23.12 -5.18
#